data_8FID
#
_entry.id   8FID
#
_cell.length_a   106.460
_cell.length_b   70.030
_cell.length_c   59.280
_cell.angle_alpha   90.000
_cell.angle_beta   95.250
_cell.angle_gamma   90.000
#
_symmetry.space_group_name_H-M   'C 1 2 1'
#
loop_
_entity.id
_entity.type
_entity.pdbx_description
1 polymer 'Cytochrome P450'
2 non-polymer 'PROTOPORPHYRIN IX CONTAINING FE'
3 non-polymer '(8alpha,9beta,10alpha,13alpha)-kaur-16-en-18-oic acid'
4 water water
#
_entity_poly.entity_id   1
_entity_poly.type   'polypeptide(L)'
_entity_poly.pdbx_seq_one_letter_code
;MAHHHHHHGSTQEHSTPSATDYRDAFAALAAPENNSNPYEYMRWLREHDPVHRSASGIFLLSRHADIYWALKATGDTFRG
PSAGDLARLFPRAAISRSLNLLASTLAMKEPPTHTRLRRLISRDFTVRQIDSLRPSIVQVTQTRLGNIASSLEKGHVVNL
HEVFSVVLPMLIFAELFGMTQADIFELAASIRTILEGLNPHASDEQLAASDAASLEVERYFEGLIEKKRREPQSDLVSVL
VSTHDDDDDKLSDTELISMLWGILLGGFATTAAMIDHAILDMLAFPEQRRWLEGDAASVKAFIEEVLRYDAPAMFSSIPR
IAQYDITIGDVTIPEGADVRVLLASGNRDPAAFPDPDRFDPSRFHGTAPGMSTYGHVLLSFGHGIHFCLGAQLARVQLAE
CLPVINARFPHLVLAGDPVREPSAFLRTFRSLPVRLDTSGR
;
_entity_poly.pdbx_strand_id   A
#
loop_
_chem_comp.id
_chem_comp.type
_chem_comp.name
_chem_comp.formula
HEM non-polymer 'PROTOPORPHYRIN IX CONTAINING FE' 'C34 H32 Fe N4 O4'
NE4 non-polymer '(8alpha,9beta,10alpha,13alpha)-kaur-16-en-18-oic acid' 'C20 H30 O2'
#
# COMPACT_ATOMS: atom_id res chain seq x y z
N ASP A 24 -20.08 0.52 14.38
CA ASP A 24 -19.46 0.30 13.07
C ASP A 24 -17.98 0.66 13.14
N ALA A 25 -17.13 -0.36 12.97
CA ALA A 25 -15.70 -0.17 13.12
C ALA A 25 -15.12 0.73 12.04
N PHE A 26 -15.69 0.71 10.84
CA PHE A 26 -15.15 1.52 9.75
C PHE A 26 -15.36 3.00 10.03
N ALA A 27 -16.50 3.37 10.63
CA ALA A 27 -16.69 4.76 11.04
C ALA A 27 -15.79 5.11 12.22
N ALA A 28 -15.55 4.14 13.12
CA ALA A 28 -14.60 4.37 14.21
C ALA A 28 -13.22 4.73 13.66
N LEU A 29 -12.73 3.93 12.71
CA LEU A 29 -11.39 4.13 12.19
C LEU A 29 -11.27 5.43 11.40
N ALA A 30 -12.37 5.94 10.86
CA ALA A 30 -12.34 7.20 10.12
C ALA A 30 -12.63 8.41 10.99
N ALA A 31 -13.09 8.20 12.23
CA ALA A 31 -13.43 9.33 13.08
C ALA A 31 -12.17 10.15 13.39
N PRO A 32 -12.28 11.48 13.46
CA PRO A 32 -11.09 12.28 13.76
C PRO A 32 -10.44 11.90 15.09
N GLU A 33 -11.24 11.51 16.08
CA GLU A 33 -10.70 11.15 17.39
C GLU A 33 -9.61 10.10 17.25
N ASN A 34 -9.78 9.15 16.32
CA ASN A 34 -8.88 8.03 16.15
C ASN A 34 -7.95 8.21 14.96
N ASN A 35 -7.83 9.42 14.42
CA ASN A 35 -6.98 9.64 13.26
C ASN A 35 -5.51 9.51 13.63
N SER A 36 -5.09 10.07 14.76
CA SER A 36 -3.67 10.11 15.10
C SER A 36 -3.17 8.76 15.59
N ASN A 37 -3.92 8.11 16.49
CA ASN A 37 -3.54 6.79 17.00
C ASN A 37 -4.77 5.91 17.08
N PRO A 38 -5.05 5.15 16.02
CA PRO A 38 -6.21 4.24 16.05
C PRO A 38 -5.94 2.90 16.71
N TYR A 39 -4.72 2.67 17.23
CA TYR A 39 -4.38 1.35 17.74
C TYR A 39 -5.04 1.05 19.07
N GLU A 40 -5.38 2.08 19.85
CA GLU A 40 -6.13 1.85 21.08
C GLU A 40 -7.52 1.29 20.77
N TYR A 41 -8.17 1.84 19.74
CA TYR A 41 -9.45 1.27 19.33
C TYR A 41 -9.27 -0.14 18.75
N MET A 42 -8.21 -0.35 17.96
CA MET A 42 -7.96 -1.68 17.42
C MET A 42 -7.74 -2.69 18.54
N ARG A 43 -7.04 -2.29 19.60
CA ARG A 43 -6.86 -3.18 20.75
C ARG A 43 -8.20 -3.52 21.38
N TRP A 44 -9.08 -2.53 21.53
CA TRP A 44 -10.43 -2.81 22.04
C TRP A 44 -11.17 -3.77 21.12
N LEU A 45 -10.99 -3.61 19.81
CA LEU A 45 -11.70 -4.44 18.85
C LEU A 45 -11.24 -5.90 18.92
N ARG A 46 -9.92 -6.13 18.98
CA ARG A 46 -9.43 -7.49 19.10
C ARG A 46 -10.03 -8.20 20.31
N GLU A 47 -10.16 -7.47 21.42
CA GLU A 47 -10.55 -8.10 22.68
C GLU A 47 -12.05 -8.32 22.80
N HIS A 48 -12.87 -7.45 22.20
CA HIS A 48 -14.30 -7.48 22.42
C HIS A 48 -15.13 -7.82 21.18
N ASP A 49 -14.58 -7.68 19.98
CA ASP A 49 -15.34 -7.97 18.78
C ASP A 49 -14.39 -8.33 17.64
N PRO A 50 -13.68 -9.46 17.76
CA PRO A 50 -12.65 -9.78 16.76
C PRO A 50 -13.21 -10.16 15.40
N VAL A 51 -14.42 -10.71 15.34
CA VAL A 51 -15.09 -11.00 14.08
C VAL A 51 -16.26 -10.04 13.97
N HIS A 52 -15.98 -8.79 13.62
CA HIS A 52 -16.92 -7.70 13.75
C HIS A 52 -17.77 -7.54 12.50
N ARG A 53 -19.07 -7.36 12.70
CA ARG A 53 -20.00 -7.10 11.60
C ARG A 53 -20.34 -5.62 11.59
N SER A 54 -19.97 -4.93 10.51
CA SER A 54 -20.26 -3.52 10.37
C SER A 54 -21.76 -3.30 10.16
N ALA A 55 -22.16 -2.03 10.13
CA ALA A 55 -23.54 -1.70 9.83
C ALA A 55 -23.90 -2.12 8.41
N SER A 56 -22.95 -2.05 7.49
CA SER A 56 -23.19 -2.43 6.10
C SER A 56 -23.27 -3.93 5.90
N GLY A 57 -23.02 -4.73 6.92
CA GLY A 57 -22.86 -6.16 6.76
C GLY A 57 -21.47 -6.59 6.34
N ILE A 58 -20.53 -5.66 6.24
CA ILE A 58 -19.15 -6.00 5.94
C ILE A 58 -18.46 -6.41 7.24
N PHE A 59 -17.72 -7.50 7.20
CA PHE A 59 -17.02 -8.00 8.37
C PHE A 59 -15.58 -7.49 8.40
N LEU A 60 -15.05 -7.37 9.61
CA LEU A 60 -13.69 -6.88 9.82
C LEU A 60 -13.00 -7.77 10.83
N LEU A 61 -11.96 -8.46 10.39
CA LEU A 61 -11.16 -9.32 11.27
C LEU A 61 -9.98 -8.52 11.83
N SER A 62 -9.82 -8.56 13.15
CA SER A 62 -8.79 -7.78 13.81
C SER A 62 -7.70 -8.62 14.48
N ARG A 63 -7.86 -9.93 14.56
CA ARG A 63 -6.87 -10.79 15.19
C ARG A 63 -5.89 -11.33 14.14
N HIS A 64 -4.61 -11.41 14.52
CA HIS A 64 -3.56 -11.83 13.60
C HIS A 64 -3.87 -13.19 12.99
N ALA A 65 -4.25 -14.17 13.84
CA ALA A 65 -4.46 -15.53 13.33
C ALA A 65 -5.60 -15.59 12.33
N ASP A 66 -6.69 -14.84 12.59
CA ASP A 66 -7.82 -14.83 11.66
C ASP A 66 -7.46 -14.09 10.37
N ILE A 67 -6.73 -12.98 10.48
CA ILE A 67 -6.29 -12.26 9.28
C ILE A 67 -5.42 -13.16 8.43
N TYR A 68 -4.47 -13.86 9.05
CA TYR A 68 -3.58 -14.74 8.31
C TYR A 68 -4.38 -15.84 7.61
N TRP A 69 -5.29 -16.48 8.34
CA TRP A 69 -6.13 -17.52 7.73
C TRP A 69 -6.88 -16.97 6.52
N ALA A 70 -7.55 -15.82 6.69
CA ALA A 70 -8.34 -15.26 5.59
C ALA A 70 -7.47 -15.01 4.37
N LEU A 71 -6.28 -14.45 4.57
CA LEU A 71 -5.39 -14.19 3.44
C LEU A 71 -4.93 -15.49 2.78
N LYS A 72 -4.50 -16.45 3.59
CA LYS A 72 -4.01 -17.73 3.07
C LYS A 72 -5.14 -18.55 2.45
N ALA A 73 -6.37 -18.39 2.94
CA ALA A 73 -7.51 -19.14 2.44
C ALA A 73 -8.16 -18.52 1.23
N THR A 74 -7.66 -17.37 0.76
CA THR A 74 -8.21 -16.75 -0.44
C THR A 74 -7.88 -17.62 -1.64
N GLY A 75 -8.92 -18.03 -2.36
CA GLY A 75 -8.81 -19.08 -3.35
C GLY A 75 -10.02 -19.98 -3.32
N ASP A 76 -10.25 -20.67 -2.20
CA ASP A 76 -11.46 -21.46 -2.00
C ASP A 76 -12.40 -20.75 -1.02
N THR A 77 -12.05 -20.73 0.27
CA THR A 77 -12.98 -20.19 1.27
C THR A 77 -13.38 -18.76 0.94
N PHE A 78 -12.44 -17.97 0.47
CA PHE A 78 -12.71 -16.60 0.05
C PHE A 78 -12.37 -16.43 -1.42
N ARG A 79 -13.20 -15.69 -2.14
CA ARG A 79 -12.93 -15.34 -3.52
C ARG A 79 -13.33 -13.89 -3.76
N GLY A 80 -12.80 -13.31 -4.84
CA GLY A 80 -13.26 -12.04 -5.31
C GLY A 80 -14.71 -12.13 -5.73
N PRO A 81 -15.41 -11.00 -5.78
CA PRO A 81 -16.84 -11.04 -6.10
C PRO A 81 -17.11 -11.43 -7.55
N SER A 82 -18.13 -12.26 -7.74
CA SER A 82 -18.66 -12.54 -9.05
C SER A 82 -19.44 -11.33 -9.56
N ALA A 83 -20.00 -11.45 -10.77
CA ALA A 83 -20.90 -10.42 -11.26
C ALA A 83 -22.10 -10.26 -10.34
N GLY A 84 -22.68 -11.38 -9.89
CA GLY A 84 -23.82 -11.31 -8.99
C GLY A 84 -23.45 -10.73 -7.63
N ASP A 85 -22.33 -11.18 -7.07
CA ASP A 85 -21.86 -10.59 -5.81
C ASP A 85 -21.72 -9.08 -5.95
N LEU A 86 -21.09 -8.63 -7.04
CA LEU A 86 -20.86 -7.21 -7.23
C LEU A 86 -22.16 -6.42 -7.19
N ALA A 87 -23.17 -6.86 -7.95
CA ALA A 87 -24.46 -6.17 -7.94
C ALA A 87 -25.13 -6.24 -6.57
N ARG A 88 -25.00 -7.37 -5.89
CA ARG A 88 -25.66 -7.54 -4.60
C ARG A 88 -24.99 -6.71 -3.51
N LEU A 89 -23.65 -6.72 -3.46
CA LEU A 89 -22.92 -6.06 -2.38
C LEU A 89 -22.67 -4.58 -2.65
N PHE A 90 -22.46 -4.20 -3.91
CA PHE A 90 -22.14 -2.82 -4.28
C PHE A 90 -23.18 -2.35 -5.27
N PRO A 91 -24.37 -2.00 -4.79
CA PRO A 91 -25.44 -1.57 -5.73
C PRO A 91 -25.03 -0.40 -6.61
N ARG A 92 -24.14 0.47 -6.14
N ARG A 92 -24.14 0.47 -6.13
CA ARG A 92 -23.70 1.59 -6.94
CA ARG A 92 -23.66 1.60 -6.90
C ARG A 92 -22.69 1.21 -8.02
C ARG A 92 -22.70 1.21 -8.02
N ALA A 93 -22.33 -0.08 -8.12
CA ALA A 93 -21.23 -0.47 -9.00
C ALA A 93 -21.50 -0.12 -10.45
N ALA A 94 -22.73 -0.33 -10.93
CA ALA A 94 -23.04 0.04 -12.30
C ALA A 94 -22.74 1.50 -12.58
N ILE A 95 -22.65 2.33 -11.55
CA ILE A 95 -22.49 3.78 -11.70
C ILE A 95 -21.10 4.26 -11.32
N SER A 96 -20.26 3.41 -10.74
CA SER A 96 -18.98 3.85 -10.21
C SER A 96 -17.85 3.35 -11.10
N ARG A 97 -17.18 4.27 -11.78
N ARG A 97 -17.18 4.27 -11.77
CA ARG A 97 -16.05 3.88 -12.63
CA ARG A 97 -16.05 3.91 -12.62
C ARG A 97 -14.93 3.25 -11.80
C ARG A 97 -14.93 3.27 -11.81
N SER A 98 -14.65 3.80 -10.62
CA SER A 98 -13.59 3.25 -9.79
C SER A 98 -13.87 1.80 -9.39
N LEU A 99 -15.11 1.50 -9.01
CA LEU A 99 -15.41 0.14 -8.57
C LEU A 99 -15.30 -0.86 -9.72
N ASN A 100 -15.77 -0.49 -10.92
CA ASN A 100 -15.70 -1.42 -12.04
C ASN A 100 -14.28 -1.61 -12.54
N LEU A 101 -13.43 -0.58 -12.43
CA LEU A 101 -12.01 -0.76 -12.72
C LEU A 101 -11.38 -1.73 -11.73
N LEU A 102 -11.70 -1.58 -10.44
CA LEU A 102 -11.20 -2.50 -9.43
C LEU A 102 -11.62 -3.94 -9.73
N ALA A 103 -12.87 -4.12 -10.18
CA ALA A 103 -13.43 -5.46 -10.32
C ALA A 103 -12.62 -6.33 -11.27
N SER A 104 -11.86 -5.73 -12.18
CA SER A 104 -11.09 -6.48 -13.16
C SER A 104 -9.58 -6.46 -12.87
N THR A 105 -9.15 -5.89 -11.75
CA THR A 105 -7.75 -6.04 -11.35
C THR A 105 -7.50 -7.49 -10.90
N LEU A 106 -6.23 -7.89 -10.93
CA LEU A 106 -5.89 -9.25 -10.56
C LEU A 106 -6.10 -9.53 -9.08
N ALA A 107 -6.19 -8.49 -8.25
CA ALA A 107 -6.43 -8.68 -6.83
C ALA A 107 -7.83 -9.23 -6.55
N MET A 108 -8.73 -9.14 -7.51
CA MET A 108 -10.10 -9.64 -7.38
C MET A 108 -10.26 -11.04 -7.97
N LYS A 109 -9.18 -11.67 -8.41
CA LYS A 109 -9.25 -12.91 -9.16
C LYS A 109 -8.48 -14.01 -8.45
N GLU A 110 -8.80 -15.25 -8.82
CA GLU A 110 -8.13 -16.44 -8.30
C GLU A 110 -7.59 -17.24 -9.47
N PRO A 111 -6.74 -18.24 -9.23
CA PRO A 111 -6.21 -19.03 -10.35
C PRO A 111 -7.33 -19.73 -11.08
N PRO A 112 -7.16 -19.96 -12.41
CA PRO A 112 -5.99 -19.66 -13.22
C PRO A 112 -5.89 -18.21 -13.66
N THR A 113 -7.01 -17.49 -13.68
CA THR A 113 -7.00 -16.10 -14.13
C THR A 113 -5.93 -15.29 -13.39
N HIS A 114 -5.93 -15.37 -12.06
CA HIS A 114 -4.94 -14.63 -11.28
C HIS A 114 -3.52 -14.99 -11.70
N THR A 115 -3.27 -16.29 -11.91
CA THR A 115 -1.94 -16.72 -12.31
C THR A 115 -1.54 -16.11 -13.65
N ARG A 116 -2.48 -16.08 -14.61
CA ARG A 116 -2.20 -15.47 -15.91
C ARG A 116 -1.83 -14.01 -15.76
N LEU A 117 -2.65 -13.25 -15.04
CA LEU A 117 -2.40 -11.81 -14.91
C LEU A 117 -1.10 -11.53 -14.19
N ARG A 118 -0.80 -12.27 -13.11
CA ARG A 118 0.39 -11.97 -12.32
C ARG A 118 1.66 -12.27 -13.10
N ARG A 119 1.66 -13.33 -13.91
CA ARG A 119 2.87 -13.68 -14.67
C ARG A 119 3.17 -12.64 -15.74
N LEU A 120 2.17 -11.87 -16.18
CA LEU A 120 2.45 -10.82 -17.16
C LEU A 120 3.29 -9.70 -16.57
N ILE A 121 3.24 -9.51 -15.25
CA ILE A 121 3.81 -8.34 -14.62
C ILE A 121 4.91 -8.65 -13.61
N SER A 122 5.13 -9.92 -13.27
CA SER A 122 5.97 -10.22 -12.11
C SER A 122 7.46 -10.02 -12.38
N ARG A 123 7.92 -10.18 -13.62
CA ARG A 123 9.35 -10.10 -13.90
C ARG A 123 9.95 -8.78 -13.40
N ASP A 124 9.27 -7.66 -13.67
N ASP A 124 9.31 -7.66 -13.70
CA ASP A 124 9.78 -6.35 -13.34
CA ASP A 124 9.90 -6.37 -13.34
C ASP A 124 9.96 -6.15 -11.85
C ASP A 124 9.97 -6.13 -11.83
N PHE A 125 9.37 -7.00 -11.02
CA PHE A 125 9.37 -6.83 -9.58
C PHE A 125 10.17 -7.91 -8.86
N THR A 126 10.88 -8.76 -9.60
CA THR A 126 11.70 -9.78 -8.97
C THR A 126 12.93 -9.15 -8.30
N VAL A 127 13.51 -9.90 -7.36
CA VAL A 127 14.76 -9.47 -6.73
C VAL A 127 15.78 -9.05 -7.78
N ARG A 128 15.97 -9.90 -8.79
CA ARG A 128 16.97 -9.64 -9.82
C ARG A 128 16.73 -8.29 -10.50
N GLN A 129 15.48 -8.00 -10.86
CA GLN A 129 15.20 -6.79 -11.63
C GLN A 129 15.13 -5.55 -10.74
N ILE A 130 14.71 -5.69 -9.49
CA ILE A 130 14.74 -4.55 -8.58
C ILE A 130 16.18 -4.12 -8.29
N ASP A 131 17.10 -5.09 -8.19
CA ASP A 131 18.51 -4.74 -8.00
C ASP A 131 18.99 -3.80 -9.10
N SER A 132 18.50 -3.99 -10.32
CA SER A 132 18.96 -3.15 -11.44
C SER A 132 18.45 -1.73 -11.34
N LEU A 133 17.56 -1.43 -10.40
CA LEU A 133 17.07 -0.08 -10.17
C LEU A 133 17.86 0.66 -9.10
N ARG A 134 18.72 -0.04 -8.36
CA ARG A 134 19.41 0.60 -7.24
C ARG A 134 20.21 1.84 -7.66
N PRO A 135 20.89 1.86 -8.81
CA PRO A 135 21.57 3.10 -9.20
C PRO A 135 20.63 4.29 -9.36
N SER A 136 19.47 4.11 -9.97
CA SER A 136 18.51 5.21 -10.06
C SER A 136 18.05 5.65 -8.68
N ILE A 137 17.75 4.70 -7.80
CA ILE A 137 17.32 5.02 -6.45
C ILE A 137 18.40 5.85 -5.75
N VAL A 138 19.66 5.42 -5.86
CA VAL A 138 20.74 6.19 -5.24
C VAL A 138 20.84 7.56 -5.87
N GLN A 139 20.84 7.62 -7.20
CA GLN A 139 20.95 8.90 -7.91
C GLN A 139 19.82 9.83 -7.53
N VAL A 140 18.57 9.35 -7.61
CA VAL A 140 17.43 10.18 -7.23
C VAL A 140 17.57 10.63 -5.78
N THR A 141 17.96 9.70 -4.90
CA THR A 141 18.10 10.04 -3.48
C THR A 141 19.16 11.11 -3.27
N GLN A 142 20.34 10.94 -3.85
CA GLN A 142 21.41 11.91 -3.65
C GLN A 142 21.05 13.26 -4.25
N THR A 143 20.47 13.27 -5.45
CA THR A 143 20.08 14.54 -6.07
C THR A 143 19.03 15.26 -5.24
N ARG A 144 18.03 14.54 -4.74
N ARG A 144 18.04 14.53 -4.73
CA ARG A 144 17.00 15.17 -3.93
CA ARG A 144 16.99 15.13 -3.92
C ARG A 144 17.57 15.69 -2.61
C ARG A 144 17.55 15.67 -2.62
N LEU A 145 18.44 14.92 -1.97
CA LEU A 145 18.95 15.31 -0.67
C LEU A 145 19.91 16.50 -0.79
N GLY A 146 20.70 16.54 -1.85
CA GLY A 146 21.56 17.71 -2.06
C GLY A 146 20.78 19.00 -2.07
N ASN A 147 19.60 19.00 -2.69
CA ASN A 147 18.74 20.16 -2.69
C ASN A 147 18.04 20.34 -1.34
N ILE A 148 17.71 19.25 -0.67
CA ILE A 148 17.10 19.35 0.65
C ILE A 148 18.10 19.90 1.66
N ALA A 149 19.35 19.43 1.59
CA ALA A 149 20.38 19.92 2.48
C ALA A 149 20.59 21.42 2.30
N SER A 150 20.69 21.87 1.05
CA SER A 150 20.86 23.30 0.77
C SER A 150 19.80 24.13 1.47
N SER A 151 18.54 23.70 1.38
CA SER A 151 17.46 24.47 1.97
C SER A 151 17.50 24.41 3.49
N LEU A 152 17.86 23.26 4.06
CA LEU A 152 17.85 23.10 5.50
C LEU A 152 19.03 23.81 6.17
N GLU A 153 20.15 23.97 5.46
CA GLU A 153 21.30 24.66 6.03
C GLU A 153 21.07 26.17 6.11
N LYS A 154 20.12 26.70 5.34
CA LYS A 154 19.67 28.07 5.54
C LYS A 154 18.77 28.21 6.77
N GLY A 155 18.31 27.10 7.35
CA GLY A 155 17.35 27.14 8.42
C GLY A 155 15.90 27.10 7.98
N HIS A 156 15.63 26.80 6.72
CA HIS A 156 14.25 26.66 6.27
C HIS A 156 13.60 25.43 6.93
N VAL A 157 12.28 25.42 6.92
CA VAL A 157 11.50 24.23 7.26
C VAL A 157 11.10 23.55 5.97
N VAL A 158 11.25 22.22 5.93
CA VAL A 158 11.05 21.44 4.72
C VAL A 158 9.93 20.44 4.96
N ASN A 159 8.97 20.39 4.04
CA ASN A 159 7.94 19.35 4.05
C ASN A 159 8.54 18.12 3.40
N LEU A 160 9.12 17.25 4.21
CA LEU A 160 9.85 16.10 3.69
C LEU A 160 8.93 15.15 2.95
N HIS A 161 7.64 15.09 3.32
CA HIS A 161 6.70 14.27 2.57
C HIS A 161 6.63 14.72 1.13
N GLU A 162 6.52 16.03 0.92
CA GLU A 162 6.27 16.57 -0.41
C GLU A 162 7.52 16.54 -1.27
N VAL A 163 8.69 16.82 -0.69
CA VAL A 163 9.90 17.00 -1.49
C VAL A 163 10.83 15.80 -1.42
N PHE A 164 10.48 14.75 -0.68
CA PHE A 164 11.27 13.53 -0.76
C PHE A 164 10.42 12.26 -0.74
N SER A 165 9.55 12.12 0.26
CA SER A 165 8.89 10.82 0.48
C SER A 165 8.07 10.41 -0.73
N VAL A 166 7.30 11.34 -1.32
CA VAL A 166 6.53 10.97 -2.51
C VAL A 166 7.44 10.93 -3.74
N VAL A 167 8.46 11.79 -3.79
CA VAL A 167 9.21 11.96 -5.03
C VAL A 167 9.98 10.70 -5.38
N LEU A 168 10.67 10.10 -4.42
CA LEU A 168 11.48 8.94 -4.72
C LEU A 168 10.64 7.82 -5.38
N PRO A 169 9.59 7.30 -4.72
CA PRO A 169 8.84 6.20 -5.35
C PRO A 169 8.09 6.62 -6.62
N MET A 170 7.63 7.87 -6.71
CA MET A 170 7.01 8.33 -7.95
C MET A 170 7.99 8.21 -9.12
N LEU A 171 9.21 8.70 -8.93
CA LEU A 171 10.19 8.67 -10.01
C LEU A 171 10.61 7.25 -10.34
N ILE A 172 10.88 6.43 -9.32
CA ILE A 172 11.31 5.06 -9.56
C ILE A 172 10.18 4.26 -10.21
N PHE A 173 8.94 4.43 -9.72
CA PHE A 173 7.83 3.71 -10.33
C PHE A 173 7.64 4.12 -11.79
N ALA A 174 7.68 5.43 -12.07
CA ALA A 174 7.52 5.90 -13.44
C ALA A 174 8.55 5.27 -14.37
N GLU A 175 9.81 5.18 -13.92
CA GLU A 175 10.84 4.55 -14.75
C GLU A 175 10.50 3.10 -15.05
N LEU A 176 10.07 2.35 -14.02
CA LEU A 176 9.70 0.96 -14.22
C LEU A 176 8.48 0.83 -15.11
N PHE A 177 7.47 1.69 -14.88
CA PHE A 177 6.17 1.50 -15.49
C PHE A 177 6.14 2.01 -16.93
N GLY A 178 6.85 3.08 -17.22
CA GLY A 178 6.85 3.68 -18.53
C GLY A 178 6.16 5.02 -18.62
N MET A 179 6.01 5.74 -17.51
CA MET A 179 5.43 7.06 -17.50
C MET A 179 6.55 8.10 -17.41
N THR A 180 6.31 9.27 -18.00
CA THR A 180 7.22 10.37 -17.80
C THR A 180 7.09 10.88 -16.37
N GLN A 181 8.13 11.54 -15.88
CA GLN A 181 8.05 12.18 -14.58
C GLN A 181 7.00 13.29 -14.58
N ALA A 182 6.80 13.95 -15.71
CA ALA A 182 5.73 14.94 -15.81
C ALA A 182 4.37 14.28 -15.64
N ASP A 183 4.16 13.12 -16.25
CA ASP A 183 2.88 12.43 -16.13
C ASP A 183 2.55 12.12 -14.67
N ILE A 184 3.50 11.50 -13.95
CA ILE A 184 3.19 11.01 -12.61
C ILE A 184 2.88 12.18 -11.68
N PHE A 185 3.59 13.29 -11.83
CA PHE A 185 3.29 14.46 -11.00
C PHE A 185 1.94 15.06 -11.36
N GLU A 186 1.58 15.09 -12.65
CA GLU A 186 0.29 15.63 -13.05
C GLU A 186 -0.86 14.80 -12.48
N LEU A 187 -0.66 13.50 -12.28
CA LEU A 187 -1.72 12.62 -11.85
C LEU A 187 -1.74 12.34 -10.35
N ALA A 188 -0.70 12.73 -9.62
CA ALA A 188 -0.61 12.38 -8.21
C ALA A 188 -1.86 12.76 -7.43
N ALA A 189 -2.43 13.93 -7.72
CA ALA A 189 -3.63 14.37 -7.02
C ALA A 189 -4.83 13.50 -7.38
N SER A 190 -4.92 13.06 -8.64
CA SER A 190 -5.98 12.15 -9.04
C SER A 190 -5.85 10.81 -8.33
N ILE A 191 -4.61 10.30 -8.20
CA ILE A 191 -4.39 9.04 -7.50
C ILE A 191 -4.92 9.12 -6.08
N ARG A 192 -4.50 10.14 -5.34
CA ARG A 192 -4.93 10.30 -3.95
C ARG A 192 -6.46 10.31 -3.85
N THR A 193 -7.11 11.03 -4.77
CA THR A 193 -8.57 11.09 -4.73
C THR A 193 -9.19 9.73 -5.02
N ILE A 194 -8.66 9.02 -6.02
CA ILE A 194 -9.17 7.69 -6.34
C ILE A 194 -9.04 6.77 -5.14
N LEU A 195 -7.87 6.77 -4.49
CA LEU A 195 -7.61 5.85 -3.40
C LEU A 195 -8.62 6.01 -2.27
N GLU A 196 -8.98 7.25 -1.94
CA GLU A 196 -9.83 7.47 -0.77
C GLU A 196 -11.26 6.98 -0.99
N GLY A 197 -11.72 6.91 -2.23
CA GLY A 197 -13.03 6.34 -2.49
C GLY A 197 -13.11 4.84 -2.34
N LEU A 198 -11.98 4.17 -2.14
CA LEU A 198 -11.92 2.72 -2.11
C LEU A 198 -11.95 2.19 -0.67
N ASN A 199 -13.04 2.49 0.02
CA ASN A 199 -13.23 1.97 1.38
C ASN A 199 -14.71 2.06 1.71
N PRO A 200 -15.22 1.23 2.62
CA PRO A 200 -16.67 1.20 2.86
C PRO A 200 -17.23 2.49 3.44
N HIS A 201 -16.41 3.32 4.07
CA HIS A 201 -16.90 4.54 4.71
C HIS A 201 -16.83 5.75 3.78
N ALA A 202 -16.45 5.56 2.52
CA ALA A 202 -16.34 6.68 1.59
C ALA A 202 -17.67 7.42 1.49
N SER A 203 -17.61 8.75 1.61
CA SER A 203 -18.81 9.55 1.49
C SER A 203 -19.26 9.62 0.03
N ASP A 204 -20.50 10.08 -0.16
CA ASP A 204 -21.02 10.29 -1.50
C ASP A 204 -20.06 11.18 -2.30
N GLU A 205 -19.60 12.27 -1.70
CA GLU A 205 -18.72 13.19 -2.42
C GLU A 205 -17.38 12.53 -2.76
N GLN A 206 -16.80 11.80 -1.81
CA GLN A 206 -15.53 11.12 -2.06
C GLN A 206 -15.69 10.08 -3.17
N LEU A 207 -16.78 9.32 -3.16
CA LEU A 207 -17.01 8.34 -4.21
C LEU A 207 -17.15 9.02 -5.56
N ALA A 208 -17.94 10.10 -5.61
CA ALA A 208 -18.10 10.83 -6.85
C ALA A 208 -16.76 11.36 -7.36
N ALA A 209 -16.00 12.00 -6.47
CA ALA A 209 -14.69 12.52 -6.87
C ALA A 209 -13.78 11.41 -7.35
N SER A 210 -13.85 10.24 -6.71
CA SER A 210 -13.02 9.11 -7.14
C SER A 210 -13.39 8.67 -8.55
N ASP A 211 -14.68 8.46 -8.80
CA ASP A 211 -15.10 8.09 -10.15
C ASP A 211 -14.62 9.11 -11.18
N ALA A 212 -14.74 10.40 -10.87
CA ALA A 212 -14.36 11.43 -11.81
C ALA A 212 -12.85 11.42 -12.08
N ALA A 213 -12.05 11.20 -11.03
CA ALA A 213 -10.60 11.13 -11.23
C ALA A 213 -10.20 9.86 -11.97
N SER A 214 -10.90 8.76 -11.72
CA SER A 214 -10.66 7.54 -12.48
C SER A 214 -10.90 7.78 -13.97
N LEU A 215 -11.87 8.61 -14.32
CA LEU A 215 -12.09 8.94 -15.72
C LEU A 215 -10.88 9.67 -16.30
N GLU A 216 -10.38 10.69 -15.60
CA GLU A 216 -9.21 11.40 -16.09
C GLU A 216 -8.01 10.46 -16.21
N VAL A 217 -7.82 9.59 -15.22
CA VAL A 217 -6.70 8.64 -15.30
C VAL A 217 -6.88 7.68 -16.46
N GLU A 218 -8.12 7.24 -16.69
CA GLU A 218 -8.38 6.32 -17.80
C GLU A 218 -8.12 6.98 -19.14
N ARG A 219 -8.40 8.29 -19.26
CA ARG A 219 -8.13 9.00 -20.49
C ARG A 219 -6.63 9.15 -20.73
N TYR A 220 -5.87 9.43 -19.67
CA TYR A 220 -4.42 9.45 -19.80
C TYR A 220 -3.91 8.11 -20.33
N PHE A 221 -4.37 7.01 -19.75
CA PHE A 221 -3.88 5.70 -20.15
C PHE A 221 -4.27 5.35 -21.58
N GLU A 222 -5.43 5.82 -22.03
CA GLU A 222 -5.77 5.66 -23.45
C GLU A 222 -4.71 6.32 -24.32
N GLY A 223 -4.29 7.54 -23.96
CA GLY A 223 -3.20 8.17 -24.69
C GLY A 223 -1.88 7.42 -24.52
N LEU A 224 -1.59 6.95 -23.30
CA LEU A 224 -0.33 6.26 -23.06
C LEU A 224 -0.27 4.95 -23.84
N ILE A 225 -1.40 4.26 -23.96
CA ILE A 225 -1.42 2.98 -24.68
C ILE A 225 -1.01 3.18 -26.14
N GLU A 226 -1.66 4.13 -26.82
CA GLU A 226 -1.33 4.36 -28.22
C GLU A 226 0.14 4.73 -28.40
N LYS A 227 0.66 5.56 -27.49
CA LYS A 227 2.08 5.96 -27.58
C LYS A 227 2.99 4.74 -27.45
N LYS A 228 2.72 3.87 -26.49
CA LYS A 228 3.57 2.70 -26.29
C LYS A 228 3.32 1.64 -27.36
N ARG A 229 2.10 1.58 -27.91
CA ARG A 229 1.85 0.72 -29.05
C ARG A 229 2.75 1.11 -30.22
N ARG A 230 2.81 2.40 -30.50
CA ARG A 230 3.57 2.95 -31.61
C ARG A 230 5.04 3.17 -31.28
N GLU A 231 5.42 3.08 -30.01
CA GLU A 231 6.78 3.44 -29.57
C GLU A 231 7.14 2.61 -28.34
N PRO A 232 7.30 1.29 -28.51
CA PRO A 232 7.51 0.42 -27.35
C PRO A 232 8.92 0.52 -26.80
N GLN A 233 9.03 0.46 -25.47
CA GLN A 233 10.28 0.55 -24.76
C GLN A 233 10.36 -0.61 -23.76
N SER A 234 11.45 -0.64 -22.99
CA SER A 234 11.62 -1.62 -21.92
C SER A 234 10.98 -1.10 -20.63
N ASP A 235 9.65 -1.08 -20.66
CA ASP A 235 8.86 -0.68 -19.51
C ASP A 235 7.63 -1.57 -19.44
N LEU A 236 6.99 -1.60 -18.27
CA LEU A 236 5.92 -2.57 -18.05
C LEU A 236 4.71 -2.27 -18.93
N VAL A 237 4.37 -0.99 -19.12
CA VAL A 237 3.20 -0.66 -19.93
C VAL A 237 3.37 -1.18 -21.36
N SER A 238 4.59 -1.07 -21.90
CA SER A 238 4.83 -1.54 -23.27
C SER A 238 4.61 -3.06 -23.35
N VAL A 239 5.09 -3.80 -22.36
CA VAL A 239 4.90 -5.25 -22.34
C VAL A 239 3.42 -5.58 -22.27
N LEU A 240 2.66 -4.86 -21.43
CA LEU A 240 1.23 -5.11 -21.31
C LEU A 240 0.51 -4.81 -22.62
N VAL A 241 0.87 -3.70 -23.28
CA VAL A 241 0.17 -3.32 -24.51
C VAL A 241 0.48 -4.30 -25.63
N SER A 242 1.76 -4.67 -25.78
CA SER A 242 2.11 -5.64 -26.81
C SER A 242 1.46 -7.00 -26.54
N THR A 243 1.44 -7.42 -25.28
CA THR A 243 0.74 -8.66 -24.93
C THR A 243 -0.72 -8.58 -25.35
N HIS A 244 -1.40 -7.48 -25.03
CA HIS A 244 -2.79 -7.32 -25.41
C HIS A 244 -2.95 -7.30 -26.93
N ASP A 245 -2.17 -6.44 -27.60
CA ASP A 245 -2.27 -6.35 -29.05
C ASP A 245 -2.04 -7.69 -29.73
N ASP A 246 -1.17 -8.52 -29.16
CA ASP A 246 -0.86 -9.80 -29.78
C ASP A 246 -1.97 -10.82 -29.57
N ASP A 247 -2.61 -10.78 -28.39
CA ASP A 247 -3.58 -11.83 -28.03
C ASP A 247 -4.42 -11.31 -26.88
N ASP A 248 -5.66 -10.90 -27.19
CA ASP A 248 -6.54 -10.34 -26.18
C ASP A 248 -7.05 -11.40 -25.20
N ASP A 249 -6.76 -12.68 -25.43
CA ASP A 249 -7.08 -13.71 -24.45
C ASP A 249 -6.01 -13.83 -23.37
N LYS A 250 -4.78 -13.40 -23.66
CA LYS A 250 -3.78 -13.26 -22.61
C LYS A 250 -4.03 -12.04 -21.74
N LEU A 251 -4.57 -10.96 -22.34
CA LEU A 251 -4.89 -9.75 -21.59
C LEU A 251 -5.97 -9.00 -22.36
N SER A 252 -7.19 -9.02 -21.85
CA SER A 252 -8.30 -8.37 -22.51
C SER A 252 -8.19 -6.85 -22.39
N ASP A 253 -9.03 -6.14 -23.15
CA ASP A 253 -9.08 -4.69 -23.01
C ASP A 253 -9.51 -4.29 -21.61
N THR A 254 -10.44 -5.04 -21.03
CA THR A 254 -10.89 -4.76 -19.66
C THR A 254 -9.77 -5.00 -18.67
N GLU A 255 -9.04 -6.12 -18.81
CA GLU A 255 -7.95 -6.42 -17.91
C GLU A 255 -6.79 -5.44 -18.09
N LEU A 256 -6.55 -4.97 -19.32
CA LEU A 256 -5.45 -4.06 -19.58
C LEU A 256 -5.65 -2.74 -18.82
N ILE A 257 -6.82 -2.14 -18.94
CA ILE A 257 -7.04 -0.83 -18.37
C ILE A 257 -7.14 -0.91 -16.85
N SER A 258 -7.68 -2.00 -16.32
CA SER A 258 -7.71 -2.18 -14.88
C SER A 258 -6.30 -2.39 -14.33
N MET A 259 -5.47 -3.12 -15.06
CA MET A 259 -4.09 -3.32 -14.65
C MET A 259 -3.33 -2.00 -14.60
N LEU A 260 -3.45 -1.19 -15.65
CA LEU A 260 -2.76 0.10 -15.69
C LEU A 260 -3.22 0.98 -14.53
N TRP A 261 -4.54 1.13 -14.39
CA TRP A 261 -5.12 1.89 -13.28
C TRP A 261 -4.67 1.33 -11.94
N GLY A 262 -4.71 0.00 -11.79
CA GLY A 262 -4.43 -0.61 -10.51
C GLY A 262 -2.98 -0.47 -10.09
N ILE A 263 -2.06 -0.84 -10.99
CA ILE A 263 -0.63 -0.72 -10.66
C ILE A 263 -0.29 0.73 -10.32
N LEU A 264 -0.87 1.69 -11.06
CA LEU A 264 -0.64 3.09 -10.75
C LEU A 264 -1.09 3.43 -9.34
N LEU A 265 -2.27 2.93 -8.93
CA LEU A 265 -2.76 3.19 -7.59
C LEU A 265 -1.81 2.63 -6.53
N GLY A 266 -1.29 1.44 -6.76
CA GLY A 266 -0.42 0.81 -5.78
C GLY A 266 1.03 1.19 -5.89
N GLY A 267 1.41 1.98 -6.90
CA GLY A 267 2.80 2.12 -7.29
C GLY A 267 3.65 3.00 -6.40
N PHE A 268 3.07 3.91 -5.64
CA PHE A 268 3.92 4.79 -4.85
C PHE A 268 3.29 5.35 -3.57
N ALA A 269 1.98 5.47 -3.51
CA ALA A 269 1.37 6.16 -2.37
C ALA A 269 1.71 5.46 -1.05
N THR A 270 1.64 4.13 -1.03
CA THR A 270 1.94 3.40 0.20
C THR A 270 3.44 3.37 0.48
N THR A 271 4.27 3.31 -0.57
CA THR A 271 5.71 3.38 -0.36
C THR A 271 6.09 4.71 0.25
N ALA A 272 5.54 5.82 -0.26
CA ALA A 272 5.79 7.12 0.33
C ALA A 272 5.39 7.15 1.79
N ALA A 273 4.24 6.56 2.13
CA ALA A 273 3.82 6.53 3.53
C ALA A 273 4.81 5.75 4.38
N MET A 274 5.31 4.63 3.86
CA MET A 274 6.34 3.88 4.58
C MET A 274 7.57 4.74 4.85
N ILE A 275 8.01 5.51 3.84
CA ILE A 275 9.15 6.39 4.03
C ILE A 275 8.84 7.44 5.09
N ASP A 276 7.65 8.05 5.01
CA ASP A 276 7.24 9.00 6.05
C ASP A 276 7.31 8.37 7.43
N HIS A 277 6.66 7.20 7.59
CA HIS A 277 6.68 6.54 8.89
C HIS A 277 8.09 6.22 9.34
N ALA A 278 8.96 5.84 8.40
CA ALA A 278 10.33 5.49 8.76
C ALA A 278 11.08 6.69 9.32
N ILE A 279 10.97 7.83 8.62
CA ILE A 279 11.60 9.06 9.09
C ILE A 279 11.05 9.46 10.45
N LEU A 280 9.73 9.33 10.64
CA LEU A 280 9.13 9.69 11.92
C LEU A 280 9.58 8.75 13.03
N ASP A 281 9.74 7.46 12.72
CA ASP A 281 10.26 6.54 13.73
C ASP A 281 11.73 6.83 14.02
N MET A 282 12.49 7.18 12.98
CA MET A 282 13.88 7.58 13.17
C MET A 282 13.99 8.72 14.17
N LEU A 283 13.15 9.74 14.02
CA LEU A 283 13.19 10.89 14.92
C LEU A 283 12.54 10.61 16.26
N ALA A 284 11.56 9.69 16.30
CA ALA A 284 10.84 9.43 17.54
C ALA A 284 11.63 8.56 18.49
N PHE A 285 12.41 7.60 17.99
CA PHE A 285 13.13 6.62 18.81
C PHE A 285 14.61 6.72 18.54
N PRO A 286 15.28 7.73 19.11
CA PRO A 286 16.73 7.86 18.86
C PRO A 286 17.54 6.63 19.24
N GLU A 287 17.06 5.84 20.20
CA GLU A 287 17.82 4.66 20.62
C GLU A 287 17.85 3.59 19.54
N GLN A 288 16.79 3.46 18.75
CA GLN A 288 16.75 2.46 17.69
C GLN A 288 17.40 2.94 16.40
N ARG A 289 17.80 4.21 16.34
CA ARG A 289 18.43 4.75 15.15
C ARG A 289 19.73 4.05 14.80
N ARG A 290 20.37 3.39 15.78
CA ARG A 290 21.65 2.73 15.51
C ARG A 290 21.51 1.59 14.51
N TRP A 291 20.32 1.00 14.40
CA TRP A 291 20.11 -0.07 13.42
C TRP A 291 20.38 0.43 12.01
N LEU A 292 20.08 1.69 11.73
CA LEU A 292 20.31 2.27 10.40
C LEU A 292 21.78 2.45 10.09
N GLU A 293 22.67 2.27 11.06
CA GLU A 293 24.10 2.44 10.88
C GLU A 293 24.83 1.11 10.72
N GLY A 294 24.11 -0.01 10.64
CA GLY A 294 24.71 -1.32 10.61
C GLY A 294 24.79 -1.92 9.23
N ASP A 295 24.96 -3.24 9.19
CA ASP A 295 25.03 -3.96 7.93
C ASP A 295 23.65 -4.02 7.28
N ALA A 296 23.60 -4.63 6.09
CA ALA A 296 22.33 -4.76 5.38
C ALA A 296 21.25 -5.37 6.27
N ALA A 297 21.59 -6.43 7.00
CA ALA A 297 20.59 -7.11 7.83
C ALA A 297 20.02 -6.17 8.89
N SER A 298 20.87 -5.32 9.47
CA SER A 298 20.41 -4.42 10.52
C SER A 298 19.47 -3.34 9.96
N VAL A 299 19.81 -2.80 8.78
CA VAL A 299 18.95 -1.81 8.15
C VAL A 299 17.59 -2.42 7.79
N LYS A 300 17.62 -3.61 7.18
CA LYS A 300 16.37 -4.28 6.81
C LYS A 300 15.51 -4.54 8.04
N ALA A 301 16.13 -4.93 9.15
CA ALA A 301 15.35 -5.19 10.37
C ALA A 301 14.61 -3.94 10.82
N PHE A 302 15.26 -2.78 10.76
CA PHE A 302 14.58 -1.52 11.06
C PHE A 302 13.38 -1.31 10.16
N ILE A 303 13.55 -1.58 8.87
CA ILE A 303 12.49 -1.30 7.90
C ILE A 303 11.30 -2.23 8.11
N GLU A 304 11.57 -3.50 8.46
CA GLU A 304 10.48 -4.41 8.76
C GLU A 304 9.68 -3.92 9.96
N GLU A 305 10.38 -3.42 10.99
CA GLU A 305 9.67 -2.94 12.19
C GLU A 305 8.89 -1.67 11.88
N VAL A 306 9.38 -0.83 10.96
CA VAL A 306 8.57 0.29 10.48
C VAL A 306 7.26 -0.24 9.88
N LEU A 307 7.37 -1.28 9.05
CA LEU A 307 6.19 -1.81 8.38
C LEU A 307 5.22 -2.46 9.38
N ARG A 308 5.75 -3.16 10.40
CA ARG A 308 4.87 -3.77 11.39
C ARG A 308 4.23 -2.71 12.28
N TYR A 309 5.02 -1.71 12.70
CA TYR A 309 4.57 -0.78 13.73
C TYR A 309 3.40 0.07 13.26
N ASP A 310 3.41 0.48 11.98
CA ASP A 310 2.32 1.31 11.47
C ASP A 310 2.17 1.03 9.97
N ALA A 311 1.37 0.03 9.65
CA ALA A 311 1.15 -0.36 8.26
C ALA A 311 0.61 0.82 7.45
N PRO A 312 1.04 0.99 6.20
CA PRO A 312 0.48 2.08 5.38
C PRO A 312 -1.01 1.92 5.11
N ALA A 313 -1.50 0.70 4.91
CA ALA A 313 -2.92 0.44 4.75
C ALA A 313 -3.41 -0.35 5.96
N MET A 314 -4.33 0.24 6.73
CA MET A 314 -4.83 -0.43 7.93
C MET A 314 -5.61 -1.69 7.58
N PHE A 315 -6.47 -1.60 6.57
CA PHE A 315 -7.06 -2.78 5.94
C PHE A 315 -7.06 -2.56 4.44
N SER A 316 -7.40 -3.61 3.70
CA SER A 316 -7.32 -3.59 2.25
C SER A 316 -8.68 -3.25 1.64
N SER A 317 -8.65 -2.46 0.57
CA SER A 317 -9.86 -2.19 -0.20
C SER A 317 -10.42 -3.42 -0.89
N ILE A 318 -9.68 -4.52 -0.94
CA ILE A 318 -10.08 -5.69 -1.72
C ILE A 318 -11.10 -6.50 -0.94
N PRO A 319 -12.31 -6.70 -1.46
CA PRO A 319 -13.27 -7.54 -0.77
C PRO A 319 -12.91 -9.02 -0.89
N ARG A 320 -13.19 -9.77 0.18
CA ARG A 320 -13.09 -11.21 0.19
C ARG A 320 -14.48 -11.78 0.49
N ILE A 321 -15.04 -12.52 -0.47
CA ILE A 321 -16.42 -13.00 -0.38
C ILE A 321 -16.41 -14.42 0.17
N ALA A 322 -17.11 -14.63 1.28
CA ALA A 322 -17.20 -15.95 1.88
C ALA A 322 -17.92 -16.91 0.94
N GLN A 323 -17.28 -18.05 0.67
CA GLN A 323 -17.89 -19.09 -0.15
C GLN A 323 -18.69 -20.10 0.66
N TYR A 324 -18.66 -19.99 1.99
CA TYR A 324 -19.45 -20.81 2.86
C TYR A 324 -19.97 -19.94 4.00
N ASP A 325 -20.94 -20.47 4.75
CA ASP A 325 -21.12 -20.04 6.13
C ASP A 325 -19.87 -20.45 6.90
N ILE A 326 -19.23 -19.47 7.56
CA ILE A 326 -17.99 -19.72 8.27
C ILE A 326 -18.22 -19.35 9.73
N THR A 327 -18.24 -20.37 10.59
CA THR A 327 -18.40 -20.17 12.02
C THR A 327 -17.03 -19.96 12.65
N ILE A 328 -16.89 -18.88 13.39
CA ILE A 328 -15.65 -18.54 14.09
C ILE A 328 -16.05 -18.19 15.52
N GLY A 329 -15.76 -19.08 16.46
CA GLY A 329 -16.25 -18.88 17.81
C GLY A 329 -17.76 -18.84 17.80
N ASP A 330 -18.33 -17.79 18.38
CA ASP A 330 -19.78 -17.64 18.44
C ASP A 330 -20.36 -16.88 17.26
N VAL A 331 -19.52 -16.28 16.41
CA VAL A 331 -19.96 -15.50 15.27
C VAL A 331 -19.90 -16.36 14.02
N THR A 332 -20.94 -16.26 13.19
CA THR A 332 -20.99 -16.98 11.92
C THR A 332 -21.06 -15.98 10.78
N ILE A 333 -20.07 -16.04 9.90
CA ILE A 333 -20.03 -15.20 8.70
C ILE A 333 -20.92 -15.87 7.64
N PRO A 334 -22.01 -15.25 7.22
CA PRO A 334 -22.88 -15.93 6.24
C PRO A 334 -22.24 -15.96 4.86
N GLU A 335 -22.53 -17.04 4.13
CA GLU A 335 -22.08 -17.17 2.76
C GLU A 335 -22.43 -15.91 1.97
N GLY A 336 -21.49 -15.44 1.15
CA GLY A 336 -21.70 -14.26 0.35
C GLY A 336 -21.35 -12.95 1.02
N ALA A 337 -20.86 -12.98 2.25
CA ALA A 337 -20.53 -11.76 2.96
C ALA A 337 -19.14 -11.24 2.58
N ASP A 338 -19.02 -9.93 2.56
CA ASP A 338 -17.74 -9.27 2.29
C ASP A 338 -16.93 -9.17 3.58
N VAL A 339 -15.71 -9.69 3.56
CA VAL A 339 -14.86 -9.74 4.75
C VAL A 339 -13.57 -8.97 4.49
N ARG A 340 -13.24 -8.06 5.40
CA ARG A 340 -12.03 -7.28 5.36
C ARG A 340 -11.10 -7.70 6.49
N VAL A 341 -9.81 -7.40 6.31
CA VAL A 341 -8.78 -7.81 7.26
C VAL A 341 -8.05 -6.56 7.76
N LEU A 342 -8.02 -6.38 9.08
CA LEU A 342 -7.38 -5.22 9.69
C LEU A 342 -5.91 -5.53 9.89
N LEU A 343 -5.15 -5.41 8.80
CA LEU A 343 -3.73 -5.71 8.81
C LEU A 343 -3.02 -5.02 9.97
N ALA A 344 -3.32 -3.73 10.17
CA ALA A 344 -2.60 -2.96 11.19
C ALA A 344 -2.83 -3.53 12.58
N SER A 345 -4.03 -4.04 12.84
CA SER A 345 -4.35 -4.60 14.15
C SER A 345 -3.62 -5.92 14.37
N GLY A 346 -3.64 -6.80 13.37
CA GLY A 346 -2.87 -8.02 13.46
C GLY A 346 -1.40 -7.79 13.70
N ASN A 347 -0.86 -6.69 13.15
CA ASN A 347 0.55 -6.36 13.36
C ASN A 347 0.84 -6.02 14.81
N ARG A 348 -0.17 -5.55 15.56
CA ARG A 348 -0.01 -5.21 16.97
C ARG A 348 -0.74 -6.19 17.89
N ASP A 349 -1.02 -7.39 17.40
CA ASP A 349 -1.66 -8.41 18.20
C ASP A 349 -0.65 -9.04 19.14
N PRO A 350 -0.84 -8.97 20.47
CA PRO A 350 0.18 -9.54 21.37
C PRO A 350 0.31 -11.05 21.23
N ALA A 351 -0.71 -11.72 20.71
CA ALA A 351 -0.62 -13.16 20.46
C ALA A 351 0.39 -13.48 19.36
N ALA A 352 0.72 -12.50 18.52
CA ALA A 352 1.71 -12.67 17.47
C ALA A 352 3.00 -11.89 17.71
N PHE A 353 2.94 -10.78 18.44
CA PHE A 353 4.09 -9.92 18.65
C PHE A 353 4.12 -9.44 20.10
N PRO A 354 4.93 -10.08 20.95
CA PRO A 354 5.00 -9.66 22.36
C PRO A 354 5.35 -8.19 22.51
N ASP A 355 4.79 -7.57 23.55
CA ASP A 355 4.96 -6.14 23.79
C ASP A 355 4.71 -5.36 22.49
N PRO A 356 3.50 -5.47 21.92
CA PRO A 356 3.33 -5.05 20.51
C PRO A 356 3.47 -3.57 20.25
N ASP A 357 3.31 -2.71 21.26
CA ASP A 357 3.41 -1.27 21.03
C ASP A 357 4.84 -0.75 21.19
N ARG A 358 5.80 -1.62 21.43
CA ARG A 358 7.20 -1.24 21.45
C ARG A 358 7.78 -1.32 20.05
N PHE A 359 8.44 -0.26 19.62
CA PHE A 359 9.17 -0.25 18.34
C PHE A 359 10.53 -0.89 18.58
N ASP A 360 10.74 -2.09 18.03
CA ASP A 360 11.93 -2.88 18.32
C ASP A 360 12.38 -3.63 17.08
N PRO A 361 13.39 -3.12 16.36
CA PRO A 361 13.84 -3.80 15.15
C PRO A 361 14.38 -5.20 15.38
N SER A 362 14.79 -5.56 16.60
CA SER A 362 15.35 -6.87 16.83
C SER A 362 14.36 -7.99 16.48
N ARG A 363 13.07 -7.69 16.38
CA ARG A 363 12.09 -8.72 16.02
C ARG A 363 12.40 -9.34 14.66
N PHE A 364 13.01 -8.56 13.76
CA PHE A 364 13.16 -8.96 12.37
C PHE A 364 14.63 -9.05 11.97
N HIS A 365 15.53 -9.25 12.94
CA HIS A 365 16.95 -9.27 12.69
C HIS A 365 17.40 -10.70 12.42
N GLY A 366 18.00 -10.94 11.24
CA GLY A 366 18.51 -12.24 10.89
C GLY A 366 17.48 -13.20 10.33
N THR A 367 16.25 -12.77 10.17
CA THR A 367 15.16 -13.63 9.74
C THR A 367 14.81 -13.35 8.28
N ALA A 368 13.94 -14.18 7.73
CA ALA A 368 13.43 -13.92 6.38
C ALA A 368 12.60 -12.64 6.40
N PRO A 369 12.46 -11.99 5.24
CA PRO A 369 11.69 -10.74 5.21
C PRO A 369 10.27 -10.97 5.72
N GLY A 370 9.85 -10.11 6.64
CA GLY A 370 8.50 -10.16 7.17
C GLY A 370 8.27 -11.16 8.28
N MET A 371 9.29 -11.92 8.68
CA MET A 371 9.12 -12.98 9.66
C MET A 371 9.86 -12.62 10.95
N SER A 372 9.13 -12.67 12.07
CA SER A 372 9.74 -12.39 13.35
C SER A 372 10.63 -13.55 13.80
N THR A 373 11.51 -13.27 14.77
CA THR A 373 12.36 -14.31 15.33
C THR A 373 11.56 -15.40 16.02
N TYR A 374 10.28 -15.16 16.31
CA TYR A 374 9.42 -16.17 16.92
C TYR A 374 8.48 -16.81 15.91
N GLY A 375 8.63 -16.52 14.63
CA GLY A 375 7.90 -17.21 13.59
C GLY A 375 6.53 -16.66 13.25
N HIS A 376 6.26 -15.40 13.56
CA HIS A 376 5.01 -14.76 13.19
C HIS A 376 5.27 -13.64 12.18
N VAL A 377 4.42 -13.54 11.18
CA VAL A 377 4.67 -12.67 10.05
C VAL A 377 3.99 -11.32 10.28
N LEU A 378 4.64 -10.26 9.80
CA LEU A 378 3.93 -9.00 9.66
C LEU A 378 2.94 -9.13 8.52
N LEU A 379 1.90 -8.28 8.53
CA LEU A 379 0.78 -8.42 7.61
C LEU A 379 0.63 -7.24 6.65
N SER A 380 1.51 -6.25 6.71
CA SER A 380 1.30 -5.02 5.95
C SER A 380 1.32 -5.24 4.44
N PHE A 381 1.92 -6.33 3.96
CA PHE A 381 1.94 -6.65 2.54
C PHE A 381 0.92 -7.72 2.19
N GLY A 382 0.05 -8.09 3.12
CA GLY A 382 -0.85 -9.19 2.87
C GLY A 382 -0.13 -10.54 2.95
N HIS A 383 -0.75 -11.54 2.34
CA HIS A 383 -0.26 -12.91 2.35
C HIS A 383 -1.13 -13.72 1.40
N GLY A 384 -0.62 -14.90 1.02
CA GLY A 384 -1.36 -15.75 0.10
C GLY A 384 -1.19 -15.33 -1.35
N ILE A 385 -2.18 -15.65 -2.17
CA ILE A 385 -2.03 -15.45 -3.62
C ILE A 385 -1.88 -13.97 -3.95
N HIS A 386 -2.42 -13.09 -3.12
CA HIS A 386 -2.36 -11.65 -3.39
C HIS A 386 -1.26 -10.95 -2.59
N PHE A 387 -0.23 -11.68 -2.16
CA PHE A 387 0.89 -11.04 -1.47
C PHE A 387 1.48 -9.95 -2.37
N CYS A 388 1.75 -8.80 -1.75
CA CYS A 388 2.17 -7.61 -2.48
C CYS A 388 3.25 -7.89 -3.52
N LEU A 389 2.96 -7.48 -4.76
CA LEU A 389 3.92 -7.60 -5.85
C LEU A 389 5.11 -6.68 -5.66
N GLY A 390 4.90 -5.52 -5.03
CA GLY A 390 5.92 -4.51 -4.92
C GLY A 390 6.72 -4.51 -3.63
N ALA A 391 6.58 -5.54 -2.81
CA ALA A 391 7.23 -5.54 -1.50
C ALA A 391 8.73 -5.30 -1.61
N GLN A 392 9.39 -6.00 -2.52
CA GLN A 392 10.84 -5.84 -2.66
C GLN A 392 11.18 -4.44 -3.17
N LEU A 393 10.42 -3.94 -4.14
CA LEU A 393 10.64 -2.59 -4.65
C LEU A 393 10.52 -1.56 -3.53
N ALA A 394 9.51 -1.69 -2.68
CA ALA A 394 9.36 -0.79 -1.55
C ALA A 394 10.50 -0.94 -0.56
N ARG A 395 10.81 -2.18 -0.17
CA ARG A 395 11.86 -2.41 0.82
C ARG A 395 13.21 -1.87 0.35
N VAL A 396 13.54 -2.10 -0.92
CA VAL A 396 14.86 -1.70 -1.43
C VAL A 396 14.99 -0.19 -1.48
N GLN A 397 13.93 0.52 -1.90
CA GLN A 397 14.00 1.98 -1.92
C GLN A 397 14.32 2.51 -0.53
N LEU A 398 13.63 2.00 0.50
CA LEU A 398 13.87 2.51 1.84
C LEU A 398 15.23 2.06 2.37
N ALA A 399 15.68 0.86 2.02
CA ALA A 399 17.00 0.41 2.46
C ALA A 399 18.10 1.26 1.84
N GLU A 400 17.88 1.78 0.62
CA GLU A 400 18.88 2.63 -0.01
C GLU A 400 18.89 4.03 0.58
N CYS A 401 17.71 4.63 0.80
CA CYS A 401 17.68 6.04 1.17
C CYS A 401 17.73 6.29 2.67
N LEU A 402 17.22 5.36 3.50
CA LEU A 402 17.09 5.68 4.93
C LEU A 402 18.44 5.81 5.59
N PRO A 403 19.41 4.91 5.37
CA PRO A 403 20.74 5.13 5.96
C PRO A 403 21.40 6.40 5.49
N VAL A 404 21.08 6.88 4.29
CA VAL A 404 21.67 8.12 3.79
C VAL A 404 21.05 9.32 4.48
N ILE A 405 19.72 9.33 4.61
CA ILE A 405 19.05 10.36 5.37
C ILE A 405 19.59 10.42 6.79
N ASN A 406 19.73 9.26 7.43
CA ASN A 406 20.19 9.21 8.81
C ASN A 406 21.59 9.79 8.96
N ALA A 407 22.49 9.45 8.04
CA ALA A 407 23.86 9.96 8.10
C ALA A 407 23.94 11.41 7.64
N ARG A 408 23.11 11.81 6.68
CA ARG A 408 23.22 13.15 6.12
C ARG A 408 22.76 14.21 7.12
N PHE A 409 21.71 13.93 7.88
CA PHE A 409 21.07 14.93 8.74
C PHE A 409 20.91 14.39 10.16
N PRO A 410 22.01 14.20 10.89
CA PRO A 410 21.88 13.72 12.28
C PRO A 410 21.15 14.68 13.20
N HIS A 411 21.11 15.97 12.88
CA HIS A 411 20.50 16.97 13.76
C HIS A 411 19.12 17.40 13.28
N LEU A 412 18.51 16.62 12.40
CA LEU A 412 17.14 16.85 11.96
C LEU A 412 16.16 16.69 13.12
N VAL A 413 15.13 17.53 13.15
CA VAL A 413 14.06 17.45 14.15
C VAL A 413 12.74 17.79 13.46
N LEU A 414 11.65 17.47 14.15
CA LEU A 414 10.33 17.90 13.69
C LEU A 414 10.15 19.40 13.93
N ALA A 415 9.50 20.06 12.99
CA ALA A 415 9.16 21.46 13.14
C ALA A 415 7.67 21.59 13.40
N GLY A 416 7.15 20.77 14.29
CA GLY A 416 5.73 20.68 14.57
C GLY A 416 5.19 19.29 14.25
N ASP A 417 3.89 19.15 14.45
CA ASP A 417 3.25 17.86 14.24
C ASP A 417 3.14 17.57 12.74
N PRO A 418 3.45 16.35 12.30
CA PRO A 418 3.13 15.97 10.92
C PRO A 418 1.63 16.06 10.69
N VAL A 419 1.26 16.50 9.49
CA VAL A 419 -0.14 16.63 9.13
C VAL A 419 -0.54 15.37 8.37
N ARG A 420 -1.43 14.58 8.95
CA ARG A 420 -1.88 13.35 8.34
C ARG A 420 -2.90 13.65 7.25
N GLU A 421 -2.86 12.83 6.19
CA GLU A 421 -3.95 12.84 5.22
C GLU A 421 -5.16 12.18 5.86
N PRO A 422 -6.26 12.90 6.12
CA PRO A 422 -7.42 12.24 6.73
C PRO A 422 -7.93 11.13 5.84
N SER A 423 -7.97 9.92 6.37
CA SER A 423 -8.34 8.76 5.58
C SER A 423 -9.12 7.78 6.44
N ALA A 424 -10.00 7.03 5.78
CA ALA A 424 -10.70 5.94 6.44
C ALA A 424 -9.83 4.69 6.61
N PHE A 425 -8.75 4.55 5.84
CA PHE A 425 -7.99 3.31 5.89
C PHE A 425 -6.51 3.44 5.58
N LEU A 426 -6.08 4.52 4.93
CA LEU A 426 -4.66 4.70 4.62
C LEU A 426 -3.99 5.60 5.64
N ARG A 427 -2.74 5.28 5.96
CA ARG A 427 -1.96 6.01 6.96
C ARG A 427 -0.93 6.87 6.26
N THR A 428 -1.42 7.86 5.51
CA THR A 428 -0.59 8.74 4.69
C THR A 428 -0.58 10.14 5.29
N PHE A 429 0.33 10.96 4.75
CA PHE A 429 0.59 12.28 5.29
C PHE A 429 0.46 13.35 4.22
N ARG A 430 0.02 14.53 4.65
CA ARG A 430 0.11 15.73 3.82
C ARG A 430 1.44 16.45 4.02
N SER A 431 2.04 16.35 5.21
CA SER A 431 3.30 17.02 5.48
C SER A 431 4.07 16.29 6.57
N LEU A 432 5.39 16.31 6.44
CA LEU A 432 6.32 15.84 7.47
C LEU A 432 7.31 16.98 7.69
N PRO A 433 6.92 18.00 8.45
CA PRO A 433 7.74 19.22 8.55
C PRO A 433 8.97 18.99 9.42
N VAL A 434 10.15 19.24 8.84
CA VAL A 434 11.40 19.09 9.57
C VAL A 434 12.25 20.35 9.35
N ARG A 435 13.23 20.52 10.24
CA ARG A 435 14.23 21.57 10.15
C ARG A 435 15.47 21.05 10.90
N LEU A 436 16.58 21.74 10.74
CA LEU A 436 17.79 21.38 11.47
C LEU A 436 17.82 22.11 12.80
N ASP A 437 18.21 21.38 13.85
CA ASP A 437 18.19 21.92 15.21
C ASP A 437 19.17 23.07 15.36
CHA HEM B . -0.98 -6.27 -3.14
CHB HEM B . 0.37 -3.26 0.42
CHC HEM B . 3.68 -1.28 -2.53
CHD HEM B . 1.66 -3.62 -6.27
C1A HEM B . -0.89 -5.65 -1.91
C2A HEM B . -1.66 -5.98 -0.72
C3A HEM B . -1.29 -5.15 0.25
C4A HEM B . -0.26 -4.27 -0.27
CMA HEM B . -1.80 -5.13 1.71
CAA HEM B . -2.69 -7.11 -0.60
CBA HEM B . -4.10 -6.53 -0.58
CGA HEM B . -5.09 -7.66 -0.33
O1A HEM B . -4.69 -8.84 -0.35
O2A HEM B . -6.29 -7.35 -0.10
C1B HEM B . 1.44 -2.53 -0.05
C2B HEM B . 2.32 -1.71 0.76
C3B HEM B . 3.23 -1.15 -0.06
C4B HEM B . 2.96 -1.62 -1.40
CMB HEM B . 2.19 -1.52 2.29
CAB HEM B . 4.42 -0.22 0.27
CBB HEM B . 5.00 -0.22 1.46
C1C HEM B . 3.42 -1.72 -3.80
C2C HEM B . 4.11 -1.32 -5.00
C3C HEM B . 3.57 -1.94 -6.05
C4C HEM B . 2.49 -2.79 -5.55
CMC HEM B . 5.30 -0.33 -5.02
CAC HEM B . 4.07 -1.75 -7.50
CBC HEM B . 3.41 -2.23 -8.55
C1D HEM B . 0.77 -4.55 -5.75
C2D HEM B . -0.02 -5.49 -6.51
C3D HEM B . -0.75 -6.23 -5.66
C4D HEM B . -0.44 -5.78 -4.31
CMD HEM B . -0.01 -5.60 -8.05
CAD HEM B . -1.73 -7.34 -6.04
CBD HEM B . -0.98 -8.66 -6.18
CGD HEM B . -1.94 -9.77 -6.54
O1D HEM B . -3.18 -9.59 -6.44
O2D HEM B . -1.45 -10.87 -6.93
NA HEM B . -0.06 -4.60 -1.59
NB HEM B . 1.85 -2.45 -1.37
NC HEM B . 2.43 -2.63 -4.17
ND HEM B . 0.50 -4.77 -4.41
FE HEM B . 1.43 -3.83 -2.79
HHB HEM B . 0.04 -3.05 1.31
HHC HEM B . 4.45 -0.68 -2.40
HHD HEM B . 1.70 -3.55 -7.24
HMA HEM B . -1.44 -4.35 2.18
HMAA HEM B . -1.53 -5.95 2.16
HMAB HEM B . -2.79 -5.07 1.69
HAA HEM B . -2.54 -7.60 0.22
HAAA HEM B . -2.60 -7.71 -1.36
HBA HEM B . -4.30 -6.13 -1.44
HBAA HEM B . -4.18 -5.87 0.11
HMB HEM B . 1.27 -1.32 2.52
HMBA HEM B . 2.78 -0.80 2.58
HMBB HEM B . 2.46 -2.35 2.74
HAB HEM B . 4.75 0.38 -0.41
HBB HEM B . 5.74 0.38 1.65
HBBA HEM B . 4.67 -0.81 2.16
HMC HEM B . 5.07 0.47 -4.53
HMCA HEM B . 5.51 -0.10 -5.93
HMCB HEM B . 6.08 -0.75 -4.60
HAC HEM B . 4.89 -1.27 -7.65
HBC HEM B . 3.76 -2.10 -9.45
HBCA HEM B . 2.58 -2.73 -8.42
HMD HEM B . -0.64 -6.30 -8.33
HMDA HEM B . 0.90 -5.82 -8.36
HMDB HEM B . -0.29 -4.75 -8.44
HAD HEM B . -2.15 -7.12 -6.89
HADA HEM B . -2.41 -7.42 -5.36
HBD HEM B . -0.57 -8.87 -5.32
HBDA HEM B . -0.31 -8.58 -6.85
HHA HEM B . -1.46 -7.12 -3.19
C10 NE4 C . -3.46 -2.77 -5.43
C13 NE4 C . -5.88 -2.56 -7.00
C15 NE4 C . -4.40 -3.96 -5.63
C17 NE4 C . -3.42 -3.63 -9.07
C20 NE4 C . -5.16 -2.03 -0.59
C03 NE4 C . -5.23 0.28 -3.67
C04 NE4 C . -5.62 0.65 -2.22
C05 NE4 C . -4.49 0.35 -1.24
C06 NE4 C . -4.07 -1.12 -1.27
C07 NE4 C . -3.69 -1.44 -2.72
C08 NE4 C . -3.12 -2.84 -2.92
C09 NE4 C . -2.50 -3.00 -4.29
C11 NE4 C . -4.25 -1.44 -5.24
C12 NE4 C . -5.31 -1.27 -6.34
C14 NE4 C . -4.91 -3.73 -7.04
C16 NE4 C . -3.65 -3.37 -7.78
C18 NE4 C . -2.71 -2.73 -6.80
C19 NE4 C . -2.87 -1.25 -0.37
C01 NE4 C . -6.03 -2.06 -3.54
C02 NE4 C . -4.82 -1.20 -3.79
O21 NE4 C . -5.06 -3.29 -0.72
O22 NE4 C . -6.08 -1.48 0.05
H131 NE4 C . -6.69 -2.84 -6.55
H132 NE4 C . -6.18 -2.37 -7.90
H151 NE4 C . -5.13 -4.00 -4.99
H152 NE4 C . -3.96 -4.82 -5.54
H171 NE4 C . -2.58 -3.54 -9.49
H172 NE4 C . -4.06 -3.92 -9.67
H032 NE4 C . -5.97 0.49 -4.26
H031 NE4 C . -4.51 0.86 -3.96
H041 NE4 C . -5.86 1.59 -2.18
H042 NE4 C . -6.42 0.19 -1.97
H052 NE4 C . -3.72 0.92 -1.42
H051 NE4 C . -4.76 0.61 -0.33
H071 NE4 C . -2.98 -0.81 -2.93
H082 NE4 C . -2.48 -3.04 -2.23
H081 NE4 C . -3.82 -3.50 -2.79
H091 NE4 C . -2.10 -3.88 -4.35
H092 NE4 C . -1.73 -2.41 -4.36
H111 NE4 C . -3.63 -0.71 -5.34
H121 NE4 C . -4.96 -0.70 -7.04
H122 NE4 C . -6.05 -0.75 -6.01
H141 NE4 C . -5.32 -4.52 -7.43
H181 NE4 C . -1.87 -3.21 -6.76
H182 NE4 C . -2.47 -1.84 -7.07
H192 NE4 C . -2.63 -2.17 -0.22
H191 NE4 C . -3.02 -0.84 0.50
H193 NE4 C . -2.09 -0.80 -0.75
H011 NE4 C . -5.78 -2.96 -3.30
H012 NE4 C . -6.60 -2.11 -4.32
H013 NE4 C . -6.57 -1.71 -2.81
#